data_4QK9
#
_entry.id   4QK9
#
_cell.length_a   110.265
_cell.length_b   110.265
_cell.length_c   110.265
_cell.angle_alpha   90.00
_cell.angle_beta   90.00
_cell.angle_gamma   90.00
#
_symmetry.space_group_name_H-M   'P 21 3'
#
loop_
_entity.id
_entity.type
_entity.pdbx_description
1 polymer 'C-di-AMP riboswitch'
2 non-polymer "(2R,3R,3aS,5R,7aR,9R,10R,10aS,12R,14aR)-2,9-bis(6-amino-9H-purin-9-yl)octahydro-2H,7H-difuro[3,2-d:3',2'-j][1,3,7,9,2,8 ]tetraoxadiphosphacyclododecine-3,5,10,12-tetrol 5,12-dioxide"
3 non-polymer 'MAGNESIUM ION'
#
_entity_poly.entity_id   1
_entity_poly.type   'polyribonucleotide'
_entity_poly.pdbx_seq_one_letter_code
;(GTP)GCGCUGAAUUCCCUGAAGGGAAACGGGGGACCCAAUCUUCAGGGGUGAAUCCCACGUAAGUGGGUAGGGCUAGUC
UCUUUCGGCCCGAACCCGUCAGCUAACCUCGUAAGCGUGGAAAGAGG(23G)
;
_entity_poly.pdbx_strand_id   A
#